data_8XOV
#
_entry.id   8XOV
#
_cell.length_a   33.911
_cell.length_b   54.346
_cell.length_c   207.028
_cell.angle_alpha   90.000
_cell.angle_beta   94.075
_cell.angle_gamma   90.000
#
_symmetry.space_group_name_H-M   'I 1 2 1'
#
loop_
_entity.id
_entity.type
_entity.pdbx_description
1 polymer 'Ribosomal protein S6 kinase alpha-1'
2 non-polymer 'PHOSPHOAMINOPHOSPHONIC ACID-ADENYLATE ESTER'
3 non-polymer 1,2-ETHANEDIOL
4 water water
#
_entity_poly.entity_id   1
_entity_poly.type   'polypeptide(L)'
_entity_poly.pdbx_seq_one_letter_code
;QPSKDEGVLKEISITHHVKAGSEKADPSHFELLKVLGQGSFGKVFLVRKVTRPDSGHLYAMKVLKKATLKVRDRVRTKME
RDILADVNHPFVVKLHYAFQTEGKLYLILDFLRGGDLFTRLSKEVMFTEEDVKFYLAELALGLDHLHSLGIIYRDLKPEN
ILLDEEGHIKLTDFGLSKEAIDHEKKAYSFCGTVEYMAPEVVNRQGHSHSADWWSYGVLMFEMLTGSLPFQGKDRKETMT
LILKAKLGMPQFLSTEAQSLLRALFKRNPANRLGSGPDGAEEIKRHVFYSTIDWNKLYRREIKPPFKPAVAQPDDTFYFD
T
;
_entity_poly.pdbx_strand_id   A
#
# COMPACT_ATOMS: atom_id res chain seq x y z
N LYS A 24 27.41 5.24 8.56
CA LYS A 24 27.93 3.97 7.98
C LYS A 24 27.30 2.79 8.71
N ALA A 25 27.30 1.63 8.05
CA ALA A 25 26.78 0.40 8.65
C ALA A 25 27.24 -0.82 7.87
N ASP A 26 27.19 -1.98 8.55
CA ASP A 26 27.44 -3.29 7.98
C ASP A 26 26.62 -4.28 8.81
N PRO A 27 26.42 -5.54 8.37
CA PRO A 27 25.62 -6.51 9.12
C PRO A 27 25.99 -6.63 10.59
N SER A 28 27.28 -6.41 10.92
CA SER A 28 27.75 -6.52 12.30
C SER A 28 27.13 -5.47 13.20
N HIS A 29 26.63 -4.36 12.61
CA HIS A 29 26.05 -3.24 13.35
C HIS A 29 24.66 -3.55 13.89
N PHE A 30 24.16 -4.76 13.54
CA PHE A 30 22.78 -5.17 13.75
C PHE A 30 22.72 -6.60 14.30
N GLU A 31 22.04 -6.78 15.44
CA GLU A 31 21.81 -8.11 15.99
C GLU A 31 20.36 -8.57 15.76
N LEU A 32 20.25 -9.75 15.11
CA LEU A 32 19.01 -10.47 14.88
C LEU A 32 18.34 -10.79 16.20
N LEU A 33 17.04 -10.46 16.33
CA LEU A 33 16.23 -10.85 17.47
C LEU A 33 15.35 -12.04 17.07
N LYS A 34 14.72 -11.96 15.88
CA LYS A 34 13.85 -13.01 15.36
C LYS A 34 13.61 -12.77 13.88
N VAL A 35 13.32 -13.83 13.12
CA VAL A 35 12.83 -13.67 11.76
C VAL A 35 11.33 -13.42 11.85
N LEU A 36 10.85 -12.36 11.15
CA LEU A 36 9.48 -11.87 11.20
C LEU A 36 8.60 -12.55 10.14
N GLY A 37 9.22 -12.96 9.03
CA GLY A 37 8.49 -13.61 7.96
C GLY A 37 9.36 -13.82 6.73
N GLN A 38 8.90 -14.71 5.84
CA GLN A 38 9.63 -15.09 4.64
C GLN A 38 8.63 -15.12 3.49
N GLY A 39 8.16 -13.93 3.08
CA GLY A 39 7.08 -13.80 2.11
C GLY A 39 7.54 -14.04 0.67
N SER A 40 6.73 -13.57 -0.29
CA SER A 40 7.07 -13.61 -1.70
C SER A 40 8.21 -12.62 -2.00
N PHE A 41 8.14 -11.43 -1.39
CA PHE A 41 9.09 -10.35 -1.71
C PHE A 41 10.18 -10.25 -0.65
N GLY A 42 10.65 -11.38 -0.09
CA GLY A 42 11.93 -11.43 0.63
C GLY A 42 11.85 -12.04 2.04
N LYS A 43 13.00 -12.11 2.71
CA LYS A 43 13.06 -12.58 4.09
C LYS A 43 13.34 -11.38 4.98
N VAL A 44 12.59 -11.30 6.11
CA VAL A 44 12.48 -10.09 6.91
C VAL A 44 12.88 -10.43 8.34
N PHE A 45 13.93 -9.75 8.84
CA PHE A 45 14.38 -9.87 10.22
C PHE A 45 14.09 -8.60 10.99
N LEU A 46 13.79 -8.78 12.28
CA LEU A 46 13.84 -7.75 13.29
C LEU A 46 15.26 -7.69 13.82
N VAL A 47 15.79 -6.48 14.01
CA VAL A 47 17.18 -6.30 14.37
C VAL A 47 17.26 -5.16 15.37
N ARG A 48 18.34 -5.19 16.17
CA ARG A 48 18.75 -4.04 16.93
C ARG A 48 20.00 -3.46 16.29
N LYS A 49 20.03 -2.12 16.11
CA LYS A 49 21.26 -1.39 15.86
C LYS A 49 22.04 -1.35 17.17
N VAL A 50 23.35 -1.63 17.10
CA VAL A 50 24.19 -1.62 18.29
C VAL A 50 25.22 -0.48 18.22
N THR A 51 25.57 -0.13 16.97
CA THR A 51 26.33 1.05 16.57
C THR A 51 25.58 2.34 16.89
N ARG A 52 26.37 3.43 16.98
CA ARG A 52 25.87 4.78 17.14
C ARG A 52 25.54 5.33 15.75
N PRO A 53 24.68 6.39 15.62
CA PRO A 53 24.11 7.10 16.76
C PRO A 53 22.81 6.55 17.33
N ASP A 54 22.23 5.57 16.63
CA ASP A 54 20.91 5.05 16.93
C ASP A 54 21.06 3.70 17.60
N SER A 55 21.74 3.73 18.75
CA SER A 55 22.06 2.54 19.52
C SER A 55 20.83 2.04 20.27
N GLY A 56 20.50 0.75 20.06
CA GLY A 56 19.36 0.11 20.68
C GLY A 56 18.05 0.30 19.92
N HIS A 57 18.10 0.96 18.75
CA HIS A 57 16.91 1.25 17.96
C HIS A 57 16.58 0.00 17.14
N LEU A 58 15.31 -0.40 17.18
CA LEU A 58 14.87 -1.59 16.44
C LEU A 58 14.51 -1.20 15.01
N TYR A 59 14.83 -2.10 14.08
CA TYR A 59 14.51 -1.86 12.69
C TYR A 59 13.87 -3.13 12.10
N ALA A 60 13.53 -3.06 10.82
CA ALA A 60 13.26 -4.27 10.07
C ALA A 60 14.33 -4.39 9.01
N MET A 61 15.03 -5.53 8.99
CA MET A 61 16.07 -5.73 8.01
C MET A 61 15.51 -6.67 6.94
N LYS A 62 16.05 -6.56 5.73
CA LYS A 62 15.59 -7.32 4.58
C LYS A 62 16.80 -7.58 3.68
N VAL A 63 17.16 -8.87 3.54
CA VAL A 63 18.38 -9.27 2.84
C VAL A 63 17.96 -9.66 1.42
N LEU A 64 18.73 -9.21 0.43
CA LEU A 64 18.32 -9.31 -0.97
C LEU A 64 19.55 -9.39 -1.89
N LYS A 65 19.27 -9.51 -3.21
CA LYS A 65 20.25 -9.52 -4.29
C LYS A 65 20.99 -10.86 -4.34
N LYS A 66 22.06 -10.93 -5.13
CA LYS A 66 22.77 -12.18 -5.40
C LYS A 66 22.06 -12.90 -6.56
N MET A 79 13.24 -13.94 -9.54
CA MET A 79 11.85 -13.51 -9.80
C MET A 79 11.63 -12.07 -9.33
N GLU A 80 12.19 -11.69 -8.17
CA GLU A 80 11.88 -10.42 -7.54
C GLU A 80 13.01 -9.42 -7.79
N ARG A 81 12.88 -8.54 -8.80
CA ARG A 81 13.87 -7.50 -9.08
C ARG A 81 13.58 -6.22 -8.26
N ASP A 82 14.42 -5.18 -8.41
CA ASP A 82 14.28 -3.98 -7.59
C ASP A 82 14.40 -2.71 -8.42
N ILE A 83 14.20 -1.55 -7.75
CA ILE A 83 14.32 -0.19 -8.27
C ILE A 83 14.60 0.74 -7.07
N LEU A 84 15.25 1.90 -7.29
CA LEU A 84 15.62 2.89 -6.27
C LEU A 84 14.58 3.05 -5.14
N ALA A 85 15.02 3.63 -3.99
CA ALA A 85 14.13 4.07 -2.92
C ALA A 85 14.85 5.00 -1.93
N ASP A 86 14.50 6.30 -1.90
CA ASP A 86 14.81 7.17 -0.78
C ASP A 86 13.63 8.11 -0.50
N VAL A 87 12.67 7.62 0.29
CA VAL A 87 11.35 8.24 0.34
C VAL A 87 11.11 8.79 1.75
N ASN A 88 10.79 10.10 1.79
CA ASN A 88 10.40 10.79 3.02
C ASN A 88 8.94 11.21 2.95
N HIS A 89 8.07 10.44 3.62
CA HIS A 89 6.63 10.69 3.67
C HIS A 89 6.03 10.09 4.93
N PRO A 90 5.12 10.78 5.64
CA PRO A 90 4.61 10.25 6.91
C PRO A 90 3.92 8.89 6.78
N PHE A 91 3.57 8.50 5.54
CA PHE A 91 2.81 7.26 5.31
C PHE A 91 3.53 6.39 4.26
N VAL A 92 4.85 6.52 4.25
CA VAL A 92 5.69 5.61 3.52
C VAL A 92 6.85 5.21 4.42
N VAL A 93 7.10 3.91 4.45
CA VAL A 93 8.21 3.31 5.17
C VAL A 93 9.51 4.03 4.81
N LYS A 94 10.28 4.41 5.85
CA LYS A 94 11.60 4.95 5.61
C LYS A 94 12.63 3.82 5.55
N LEU A 95 13.39 3.79 4.45
CA LEU A 95 14.73 3.23 4.41
C LEU A 95 15.71 4.10 5.23
N HIS A 96 16.21 3.55 6.34
CA HIS A 96 17.25 4.19 7.12
C HIS A 96 18.64 3.91 6.56
N TYR A 97 18.97 2.63 6.28
CA TYR A 97 20.28 2.24 5.78
C TYR A 97 20.14 1.26 4.62
N ALA A 98 21.13 1.22 3.72
CA ALA A 98 21.18 0.21 2.69
C ALA A 98 22.61 0.10 2.15
N PHE A 99 23.18 -1.11 2.28
CA PHE A 99 24.61 -1.31 2.09
C PHE A 99 24.93 -2.65 1.42
N GLN A 100 26.16 -2.71 0.86
CA GLN A 100 26.61 -3.73 -0.08
C GLN A 100 27.78 -4.54 0.55
N THR A 101 27.54 -5.83 0.83
CA THR A 101 28.42 -6.66 1.66
C THR A 101 28.28 -8.14 1.30
N GLU A 102 29.32 -8.70 0.65
CA GLU A 102 29.40 -10.12 0.27
C GLU A 102 28.49 -10.47 -0.91
N GLY A 103 28.36 -9.56 -1.89
CA GLY A 103 27.48 -9.75 -3.02
C GLY A 103 26.01 -9.88 -2.62
N LYS A 104 25.61 -9.23 -1.51
CA LYS A 104 24.22 -9.09 -1.08
C LYS A 104 23.85 -7.62 -0.87
N LEU A 105 22.54 -7.37 -0.71
CA LEU A 105 22.00 -6.05 -0.41
C LEU A 105 21.08 -6.13 0.80
N TYR A 106 21.47 -5.42 1.87
CA TYR A 106 20.68 -5.35 3.08
C TYR A 106 19.90 -4.04 3.02
N LEU A 107 18.64 -4.05 3.52
CA LEU A 107 17.80 -2.87 3.61
C LEU A 107 17.27 -2.73 5.03
N ILE A 108 17.54 -1.61 5.68
CA ILE A 108 17.06 -1.38 7.03
C ILE A 108 15.94 -0.36 6.93
N LEU A 109 14.89 -0.58 7.71
CA LEU A 109 13.66 0.15 7.52
C LEU A 109 12.95 0.30 8.84
N ASP A 110 11.99 1.22 8.89
CA ASP A 110 11.11 1.31 10.04
C ASP A 110 10.73 -0.10 10.49
N PHE A 111 10.82 -0.32 11.80
CA PHE A 111 10.16 -1.49 12.34
C PHE A 111 8.72 -1.07 12.63
N LEU A 112 7.78 -1.70 11.94
CA LEU A 112 6.39 -1.32 12.11
C LEU A 112 5.68 -2.39 12.94
N ARG A 113 5.28 -1.98 14.16
CA ARG A 113 4.80 -2.87 15.22
C ARG A 113 3.31 -3.17 15.11
N GLY A 114 2.58 -2.39 14.30
CA GLY A 114 1.13 -2.41 14.30
C GLY A 114 0.54 -3.61 13.55
N GLY A 115 1.35 -4.26 12.71
CA GLY A 115 0.87 -5.30 11.83
C GLY A 115 0.19 -4.75 10.58
N ASP A 116 -0.56 -5.62 9.89
CA ASP A 116 -1.24 -5.27 8.65
C ASP A 116 -2.54 -4.57 9.02
N LEU A 117 -3.01 -3.73 8.08
CA LEU A 117 -4.22 -2.96 8.30
C LEU A 117 -5.38 -3.93 8.40
N PHE A 118 -5.44 -4.92 7.49
CA PHE A 118 -6.61 -5.79 7.38
C PHE A 118 -6.80 -6.69 8.62
N THR A 119 -5.72 -7.32 9.08
CA THR A 119 -5.67 -8.00 10.36
C THR A 119 -6.36 -7.18 11.46
N ARG A 120 -6.05 -5.88 11.55
CA ARG A 120 -6.47 -5.04 12.67
C ARG A 120 -7.97 -4.77 12.63
N LEU A 121 -8.52 -4.64 11.40
CA LEU A 121 -9.94 -4.41 11.21
C LEU A 121 -10.69 -5.71 11.53
N SER A 122 -10.12 -6.87 11.13
CA SER A 122 -10.76 -8.16 11.36
C SER A 122 -10.95 -8.46 12.86
N LYS A 123 -10.33 -7.65 13.73
CA LYS A 123 -10.62 -7.66 15.16
C LYS A 123 -11.56 -6.50 15.52
N PHE A 127 -17.28 -1.26 13.62
CA PHE A 127 -16.55 -0.94 12.37
C PHE A 127 -17.33 0.10 11.55
N THR A 128 -16.76 1.30 11.32
CA THR A 128 -17.44 2.44 10.71
C THR A 128 -16.89 2.73 9.31
N GLU A 129 -17.67 3.46 8.49
CA GLU A 129 -17.21 4.15 7.29
C GLU A 129 -16.27 5.32 7.66
N GLU A 130 -16.50 5.93 8.83
CA GLU A 130 -15.61 6.96 9.32
C GLU A 130 -14.26 6.38 9.72
N ASP A 131 -14.18 5.09 10.04
CA ASP A 131 -12.92 4.49 10.49
C ASP A 131 -12.07 4.19 9.26
N VAL A 132 -12.73 3.76 8.17
CA VAL A 132 -12.10 3.45 6.90
C VAL A 132 -11.58 4.72 6.21
N LYS A 133 -12.40 5.78 6.19
CA LYS A 133 -12.05 7.05 5.56
C LYS A 133 -10.71 7.60 6.09
N PHE A 134 -10.44 7.45 7.39
CA PHE A 134 -9.14 7.82 7.95
C PHE A 134 -8.02 7.07 7.18
N TYR A 135 -8.20 5.76 6.99
CA TYR A 135 -7.16 4.91 6.47
C TYR A 135 -6.98 5.19 4.98
N LEU A 136 -8.10 5.30 4.26
CA LEU A 136 -8.14 5.72 2.86
C LEU A 136 -7.62 7.16 2.63
N ALA A 137 -7.76 8.07 3.58
CA ALA A 137 -7.19 9.40 3.42
C ALA A 137 -5.67 9.31 3.50
N GLU A 138 -5.15 8.68 4.57
CA GLU A 138 -3.72 8.47 4.73
C GLU A 138 -3.11 7.68 3.56
N LEU A 139 -3.75 6.58 3.17
CA LEU A 139 -3.31 5.82 2.00
C LEU A 139 -3.16 6.75 0.80
N ALA A 140 -4.20 7.55 0.50
CA ALA A 140 -4.18 8.34 -0.71
C ALA A 140 -2.97 9.26 -0.74
N LEU A 141 -2.64 9.89 0.39
CA LEU A 141 -1.50 10.81 0.47
C LEU A 141 -0.18 10.11 0.15
N GLY A 142 0.04 8.90 0.72
CA GLY A 142 1.30 8.20 0.54
C GLY A 142 1.42 7.65 -0.87
N LEU A 143 0.32 7.07 -1.33
CA LEU A 143 0.25 6.53 -2.67
C LEU A 143 0.63 7.63 -3.65
N ASP A 144 0.06 8.82 -3.42
CA ASP A 144 0.15 9.88 -4.39
C ASP A 144 1.59 10.37 -4.40
N HIS A 145 2.23 10.29 -3.23
CA HIS A 145 3.65 10.58 -3.10
C HIS A 145 4.49 9.59 -3.92
N LEU A 146 4.22 8.29 -3.81
CA LEU A 146 4.97 7.32 -4.59
C LEU A 146 4.82 7.63 -6.09
N HIS A 147 3.64 8.08 -6.51
CA HIS A 147 3.37 8.34 -7.90
C HIS A 147 4.22 9.52 -8.40
N SER A 148 4.34 10.59 -7.59
CA SER A 148 5.12 11.76 -7.99
C SER A 148 6.61 11.43 -8.18
N LEU A 149 7.09 10.35 -7.54
CA LEU A 149 8.45 9.81 -7.68
C LEU A 149 8.49 8.75 -8.79
N GLY A 150 7.34 8.41 -9.37
CA GLY A 150 7.29 7.49 -10.49
C GLY A 150 7.09 6.02 -10.09
N ILE A 151 6.98 5.73 -8.78
CA ILE A 151 6.73 4.39 -8.26
C ILE A 151 5.24 4.03 -8.39
N ILE A 152 4.95 2.83 -8.94
CA ILE A 152 3.61 2.32 -9.21
C ILE A 152 3.53 0.85 -8.75
N TYR A 153 2.50 0.54 -7.96
CA TYR A 153 2.39 -0.80 -7.41
C TYR A 153 1.94 -1.82 -8.44
N ARG A 154 0.93 -1.45 -9.25
CA ARG A 154 0.16 -2.39 -10.06
C ARG A 154 -0.71 -3.31 -9.21
N ASP A 155 -0.10 -4.08 -8.28
CA ASP A 155 -0.82 -5.11 -7.52
C ASP A 155 -1.08 -4.69 -6.07
N LEU A 156 -1.09 -3.39 -5.76
CA LEU A 156 -1.30 -2.92 -4.39
C LEU A 156 -2.33 -3.76 -3.66
N LYS A 157 -1.92 -4.39 -2.56
CA LYS A 157 -2.81 -5.26 -1.83
C LYS A 157 -2.71 -4.94 -0.34
N PRO A 158 -3.64 -5.45 0.49
CA PRO A 158 -3.61 -5.18 1.93
C PRO A 158 -2.32 -5.46 2.73
N GLU A 159 -1.51 -6.43 2.29
CA GLU A 159 -0.26 -6.80 2.95
C GLU A 159 0.83 -5.77 2.69
N ASN A 160 0.58 -4.78 1.82
CA ASN A 160 1.53 -3.71 1.53
C ASN A 160 1.33 -2.54 2.48
N ILE A 161 0.29 -2.62 3.31
CA ILE A 161 -0.14 -1.50 4.15
C ILE A 161 -0.06 -1.93 5.61
N LEU A 162 0.97 -1.46 6.32
CA LEU A 162 1.19 -1.79 7.71
C LEU A 162 0.85 -0.59 8.59
N LEU A 163 0.55 -0.85 9.86
CA LEU A 163 0.35 0.18 10.87
C LEU A 163 1.62 0.31 11.71
N ASP A 164 1.80 1.47 12.34
CA ASP A 164 2.90 1.73 13.25
C ASP A 164 2.37 1.63 14.70
N GLU A 165 3.20 2.08 15.67
CA GLU A 165 2.85 1.99 17.10
C GLU A 165 1.59 2.80 17.40
N GLU A 166 1.44 3.95 16.71
CA GLU A 166 0.37 4.91 16.94
C GLU A 166 -0.90 4.51 16.20
N GLY A 167 -0.73 3.71 15.13
CA GLY A 167 -1.83 3.20 14.36
C GLY A 167 -2.07 3.97 13.08
N HIS A 168 -1.02 4.64 12.58
CA HIS A 168 -1.00 5.34 11.30
C HIS A 168 -0.45 4.38 10.26
N ILE A 169 -0.84 4.55 8.99
CA ILE A 169 -0.54 3.56 8.00
C ILE A 169 0.87 3.83 7.48
N LYS A 170 1.55 2.76 7.01
CA LYS A 170 2.81 2.89 6.28
C LYS A 170 2.78 1.93 5.10
N LEU A 171 2.96 2.47 3.90
CA LEU A 171 3.02 1.69 2.69
C LEU A 171 4.40 1.04 2.56
N THR A 172 4.43 -0.25 2.18
CA THR A 172 5.67 -0.99 2.00
C THR A 172 5.74 -1.69 0.64
N ASP A 173 6.90 -2.23 0.32
CA ASP A 173 7.10 -3.16 -0.79
C ASP A 173 6.73 -2.50 -2.12
N PHE A 174 7.18 -1.26 -2.33
CA PHE A 174 6.76 -0.51 -3.51
C PHE A 174 7.84 -0.53 -4.62
N GLY A 175 9.06 -0.94 -4.28
CA GLY A 175 10.14 -0.82 -5.23
C GLY A 175 10.17 -2.01 -6.19
N LEU A 176 9.59 -3.12 -5.73
CA LEU A 176 9.89 -4.47 -6.18
C LEU A 176 9.11 -4.77 -7.46
N SER A 177 8.95 -6.05 -7.81
CA SER A 177 8.74 -6.43 -9.20
C SER A 177 9.06 -7.91 -9.39
N LYS A 178 8.04 -8.74 -9.16
CA LYS A 178 8.12 -10.17 -9.43
C LYS A 178 7.98 -10.41 -10.94
N GLU A 179 8.52 -11.54 -11.44
CA GLU A 179 8.71 -11.79 -12.87
C GLU A 179 9.16 -13.23 -13.15
N ALA A 180 8.93 -13.72 -14.38
CA ALA A 180 9.61 -14.90 -14.93
C ALA A 180 9.37 -15.00 -16.45
N PHE A 190 5.29 -10.14 -15.40
CA PHE A 190 4.88 -9.57 -14.08
C PHE A 190 3.82 -10.47 -13.43
N CYS A 191 4.12 -11.03 -12.25
CA CYS A 191 3.13 -11.77 -11.46
C CYS A 191 2.55 -10.88 -10.36
N GLY A 192 1.33 -11.20 -9.92
CA GLY A 192 0.69 -10.43 -8.87
C GLY A 192 -0.64 -11.04 -8.46
N THR A 193 -1.27 -10.37 -7.47
CA THR A 193 -2.58 -10.77 -6.96
C THR A 193 -3.65 -10.11 -7.81
N VAL A 194 -4.45 -10.97 -8.43
CA VAL A 194 -5.30 -10.57 -9.54
C VAL A 194 -6.49 -9.75 -9.04
N GLU A 195 -7.05 -10.12 -7.88
CA GLU A 195 -8.19 -9.43 -7.29
C GLU A 195 -7.98 -7.91 -7.25
N TYR A 196 -6.74 -7.42 -7.20
CA TYR A 196 -6.56 -6.01 -6.94
C TYR A 196 -6.10 -5.27 -8.19
N MET A 197 -6.07 -5.99 -9.31
CA MET A 197 -5.48 -5.42 -10.50
C MET A 197 -6.55 -4.71 -11.34
N ALA A 198 -6.17 -3.53 -11.85
CA ALA A 198 -6.96 -2.78 -12.78
C ALA A 198 -7.07 -3.56 -14.09
N PRO A 199 -8.10 -3.25 -14.91
CA PRO A 199 -8.33 -3.90 -16.21
C PRO A 199 -7.19 -3.78 -17.21
N GLU A 200 -6.63 -2.58 -17.35
CA GLU A 200 -5.53 -2.38 -18.28
C GLU A 200 -4.35 -3.26 -17.87
N VAL A 201 -4.25 -3.61 -16.58
CA VAL A 201 -3.10 -4.35 -16.08
C VAL A 201 -3.34 -5.84 -16.29
N VAL A 202 -4.57 -6.29 -16.03
CA VAL A 202 -4.98 -7.67 -16.26
C VAL A 202 -4.74 -8.05 -17.72
N ASN A 203 -4.95 -7.06 -18.61
CA ASN A 203 -4.82 -7.17 -20.06
C ASN A 203 -3.42 -6.86 -20.59
N ARG A 204 -2.40 -6.79 -19.73
CA ARG A 204 -1.02 -6.61 -20.17
C ARG A 204 -0.91 -5.52 -21.24
N GLN A 205 -1.84 -4.55 -21.20
CA GLN A 205 -1.72 -3.27 -21.88
C GLN A 205 -0.81 -2.35 -21.07
N GLY A 206 -0.48 -1.19 -21.63
CA GLY A 206 0.19 -0.15 -20.89
C GLY A 206 -0.63 0.25 -19.68
N HIS A 207 0.01 0.96 -18.73
CA HIS A 207 -0.60 1.40 -17.48
C HIS A 207 0.09 2.67 -16.97
N SER A 208 -0.63 3.50 -16.23
CA SER A 208 0.02 4.61 -15.53
C SER A 208 -0.31 4.53 -14.03
N HIS A 209 -0.32 5.66 -13.34
CA HIS A 209 -0.66 5.69 -11.92
C HIS A 209 -2.15 5.36 -11.70
N SER A 210 -3.01 5.59 -12.71
CA SER A 210 -4.43 5.25 -12.66
C SER A 210 -4.65 3.81 -12.19
N ALA A 211 -3.78 2.87 -12.59
CA ALA A 211 -3.86 1.48 -12.16
C ALA A 211 -4.07 1.37 -10.65
N ASP A 212 -3.32 2.19 -9.87
CA ASP A 212 -3.27 2.09 -8.40
C ASP A 212 -4.51 2.69 -7.72
N TRP A 213 -5.22 3.63 -8.39
CA TRP A 213 -6.50 4.11 -7.88
C TRP A 213 -7.62 3.10 -8.13
N TRP A 214 -7.52 2.28 -9.18
CA TRP A 214 -8.40 1.13 -9.29
C TRP A 214 -8.24 0.26 -8.04
N SER A 215 -6.98 -0.16 -7.78
CA SER A 215 -6.66 -1.02 -6.66
C SER A 215 -7.19 -0.40 -5.37
N TYR A 216 -7.05 0.94 -5.25
CA TYR A 216 -7.44 1.73 -4.09
C TYR A 216 -8.94 1.63 -3.86
N GLY A 217 -9.70 1.62 -4.95
CA GLY A 217 -11.11 1.36 -4.89
C GLY A 217 -11.41 -0.07 -4.41
N VAL A 218 -10.59 -1.06 -4.84
CA VAL A 218 -10.79 -2.44 -4.44
C VAL A 218 -10.61 -2.56 -2.91
N LEU A 219 -9.49 -2.01 -2.40
CA LEU A 219 -9.23 -1.94 -0.97
C LEU A 219 -10.40 -1.29 -0.23
N MET A 220 -10.87 -0.15 -0.74
CA MET A 220 -11.95 0.60 -0.13
C MET A 220 -13.19 -0.28 -0.06
N PHE A 221 -13.49 -0.90 -1.19
CA PHE A 221 -14.65 -1.76 -1.29
C PHE A 221 -14.50 -2.92 -0.32
N GLU A 222 -13.32 -3.54 -0.31
CA GLU A 222 -13.09 -4.67 0.55
C GLU A 222 -13.28 -4.28 2.02
N MET A 223 -12.88 -3.06 2.37
CA MET A 223 -13.00 -2.58 3.74
C MET A 223 -14.46 -2.33 4.11
N LEU A 224 -15.24 -1.67 3.25
CA LEU A 224 -16.61 -1.30 3.59
C LEU A 224 -17.56 -2.52 3.55
N THR A 225 -17.17 -3.63 2.90
CA THR A 225 -18.12 -4.70 2.61
C THR A 225 -17.65 -6.02 3.21
N GLY A 226 -16.33 -6.17 3.37
CA GLY A 226 -15.75 -7.45 3.73
C GLY A 226 -15.60 -8.40 2.56
N SER A 227 -16.24 -8.09 1.43
CA SER A 227 -16.10 -8.83 0.19
C SER A 227 -15.20 -8.05 -0.76
N LEU A 228 -14.64 -8.76 -1.72
CA LEU A 228 -14.01 -8.22 -2.93
C LEU A 228 -15.03 -7.98 -4.04
N PRO A 229 -14.96 -6.86 -4.81
CA PRO A 229 -15.96 -6.55 -5.84
C PRO A 229 -15.96 -7.50 -7.04
N PHE A 230 -14.81 -8.06 -7.40
CA PHE A 230 -14.75 -9.07 -8.44
C PHE A 230 -13.98 -10.29 -7.92
N GLN A 231 -14.67 -11.42 -7.84
CA GLN A 231 -14.00 -12.67 -7.47
C GLN A 231 -14.74 -13.84 -8.04
N GLY A 232 -14.01 -14.75 -8.70
CA GLY A 232 -14.58 -16.03 -9.13
C GLY A 232 -13.93 -17.19 -8.38
N LYS A 233 -14.18 -18.43 -8.88
CA LYS A 233 -13.64 -19.65 -8.31
C LYS A 233 -12.15 -19.79 -8.64
N ASP A 234 -11.72 -19.08 -9.69
CA ASP A 234 -10.44 -19.28 -10.34
C ASP A 234 -9.83 -17.90 -10.54
N ARG A 235 -8.50 -17.81 -10.68
CA ARG A 235 -7.78 -16.62 -11.10
C ARG A 235 -8.34 -16.12 -12.44
N LYS A 236 -8.77 -17.06 -13.30
CA LYS A 236 -9.17 -16.76 -14.68
C LYS A 236 -10.59 -16.20 -14.74
N GLU A 237 -11.48 -16.71 -13.90
CA GLU A 237 -12.84 -16.22 -13.80
C GLU A 237 -12.81 -14.83 -13.15
N THR A 238 -11.89 -14.63 -12.20
CA THR A 238 -11.77 -13.34 -11.54
C THR A 238 -11.36 -12.31 -12.58
N MET A 239 -10.34 -12.65 -13.41
CA MET A 239 -9.86 -11.78 -14.48
C MET A 239 -10.99 -11.33 -15.41
N THR A 240 -11.96 -12.20 -15.70
CA THR A 240 -12.99 -11.85 -16.69
C THR A 240 -13.99 -10.89 -16.05
N LEU A 241 -14.30 -11.12 -14.77
CA LEU A 241 -15.21 -10.23 -14.05
C LEU A 241 -14.57 -8.85 -13.97
N ILE A 242 -13.24 -8.76 -13.81
CA ILE A 242 -12.58 -7.46 -13.72
C ILE A 242 -12.72 -6.72 -15.07
N LEU A 243 -12.72 -7.48 -16.17
CA LEU A 243 -12.78 -6.84 -17.47
C LEU A 243 -14.23 -6.50 -17.83
N LYS A 244 -15.18 -7.36 -17.42
CA LYS A 244 -16.50 -7.40 -18.05
C LYS A 244 -17.62 -7.08 -17.06
N ALA A 245 -17.65 -7.79 -15.94
CA ALA A 245 -18.71 -7.62 -14.95
C ALA A 245 -18.90 -6.14 -14.62
N LYS A 246 -20.11 -5.64 -14.80
CA LYS A 246 -20.42 -4.31 -14.29
C LYS A 246 -20.73 -4.47 -12.80
N LEU A 247 -19.93 -3.78 -11.99
CA LEU A 247 -19.99 -3.93 -10.55
C LEU A 247 -21.34 -3.42 -10.06
N GLY A 248 -21.95 -4.22 -9.18
CA GLY A 248 -23.17 -3.81 -8.48
C GLY A 248 -22.81 -3.21 -7.12
N MET A 249 -23.25 -1.96 -6.92
CA MET A 249 -23.10 -1.24 -5.67
C MET A 249 -23.89 -1.91 -4.54
N PRO A 250 -23.22 -2.33 -3.42
CA PRO A 250 -23.93 -2.73 -2.22
C PRO A 250 -24.70 -1.51 -1.72
N GLN A 251 -25.97 -1.72 -1.41
CA GLN A 251 -26.89 -0.60 -1.19
C GLN A 251 -26.89 -0.21 0.29
N PHE A 252 -25.92 -0.72 1.06
CA PHE A 252 -25.73 -0.34 2.46
C PHE A 252 -24.58 0.67 2.61
N LEU A 253 -23.93 1.06 1.49
CA LEU A 253 -22.83 2.02 1.55
C LEU A 253 -23.45 3.40 1.43
N SER A 254 -22.79 4.39 2.01
CA SER A 254 -23.23 5.76 1.86
C SER A 254 -23.32 6.12 0.38
N THR A 255 -24.09 7.16 0.09
CA THR A 255 -24.25 7.66 -1.27
C THR A 255 -22.92 8.24 -1.73
N GLU A 256 -22.12 8.70 -0.76
CA GLU A 256 -20.82 9.32 -1.01
C GLU A 256 -19.77 8.25 -1.32
N ALA A 257 -19.80 7.12 -0.60
CA ALA A 257 -18.88 6.04 -0.85
C ALA A 257 -19.16 5.41 -2.21
N GLN A 258 -20.44 5.28 -2.56
CA GLN A 258 -20.84 4.73 -3.85
C GLN A 258 -20.44 5.68 -4.97
N SER A 259 -20.49 6.98 -4.70
CA SER A 259 -20.05 7.97 -5.66
C SER A 259 -18.56 7.79 -6.00
N LEU A 260 -17.76 7.66 -4.94
CA LEU A 260 -16.32 7.44 -5.05
C LEU A 260 -15.98 6.09 -5.70
N LEU A 261 -16.69 5.02 -5.35
CA LEU A 261 -16.41 3.73 -5.96
C LEU A 261 -16.76 3.73 -7.46
N ARG A 262 -17.84 4.41 -7.88
CA ARG A 262 -18.17 4.43 -9.30
C ARG A 262 -17.08 5.21 -10.06
N ALA A 263 -16.59 6.28 -9.42
CA ALA A 263 -15.54 7.10 -10.00
C ALA A 263 -14.23 6.32 -10.12
N LEU A 264 -13.89 5.53 -9.11
CA LEU A 264 -12.68 4.73 -9.16
C LEU A 264 -12.80 3.54 -10.12
N PHE A 265 -14.01 2.97 -10.32
CA PHE A 265 -14.12 1.75 -11.11
C PHE A 265 -14.51 2.07 -12.55
N LYS A 266 -13.59 2.68 -13.29
CA LYS A 266 -13.74 3.00 -14.69
C LYS A 266 -12.77 2.13 -15.44
N ARG A 267 -13.30 1.28 -16.33
CA ARG A 267 -12.46 0.30 -17.03
C ARG A 267 -11.37 1.03 -17.81
N ASN A 268 -11.71 2.22 -18.32
CA ASN A 268 -10.81 3.04 -19.11
C ASN A 268 -10.11 3.95 -18.11
N PRO A 269 -8.78 3.82 -17.96
CA PRO A 269 -8.04 4.63 -17.00
C PRO A 269 -8.28 6.12 -17.14
N ALA A 270 -8.42 6.60 -18.38
CA ALA A 270 -8.54 8.03 -18.64
C ALA A 270 -9.81 8.61 -18.04
N ASN A 271 -10.80 7.77 -17.66
CA ASN A 271 -12.05 8.25 -17.06
C ASN A 271 -12.02 8.15 -15.54
N ARG A 272 -10.93 7.59 -15.03
CA ARG A 272 -10.87 7.13 -13.66
C ARG A 272 -10.39 8.29 -12.79
N LEU A 273 -10.93 8.38 -11.58
CA LEU A 273 -10.61 9.44 -10.65
C LEU A 273 -9.15 9.26 -10.21
N GLY A 274 -8.38 10.36 -10.24
CA GLY A 274 -6.95 10.36 -9.95
C GLY A 274 -6.07 10.14 -11.18
N SER A 275 -6.67 10.02 -12.37
CA SER A 275 -5.97 9.48 -13.52
C SER A 275 -5.10 10.56 -14.14
N GLY A 276 -5.47 11.83 -13.94
CA GLY A 276 -4.74 12.96 -14.49
C GLY A 276 -3.38 13.13 -13.82
N PRO A 277 -2.59 14.14 -14.21
CA PRO A 277 -1.24 14.28 -13.65
C PRO A 277 -1.22 14.85 -12.23
N ASP A 278 -2.26 15.59 -11.79
CA ASP A 278 -2.35 16.03 -10.39
C ASP A 278 -2.88 14.90 -9.48
N GLY A 279 -3.15 13.71 -10.05
CA GLY A 279 -3.39 12.50 -9.30
C GLY A 279 -4.46 12.67 -8.23
N ALA A 280 -4.06 12.51 -6.97
CA ALA A 280 -4.98 12.47 -5.86
C ALA A 280 -5.55 13.85 -5.48
N GLU A 281 -5.18 14.94 -6.17
CA GLU A 281 -5.90 16.21 -5.94
C GLU A 281 -7.39 16.00 -6.23
N GLU A 282 -7.71 15.34 -7.34
CA GLU A 282 -9.10 15.05 -7.71
C GLU A 282 -9.83 14.28 -6.60
N ILE A 283 -9.19 13.20 -6.11
CA ILE A 283 -9.71 12.29 -5.09
C ILE A 283 -9.96 13.01 -3.76
N LYS A 284 -9.01 13.87 -3.35
CA LYS A 284 -9.06 14.58 -2.07
C LYS A 284 -10.25 15.55 -2.00
N ARG A 285 -10.69 16.04 -3.19
CA ARG A 285 -11.76 17.02 -3.32
C ARG A 285 -13.14 16.36 -3.29
N HIS A 286 -13.18 15.01 -3.38
CA HIS A 286 -14.43 14.27 -3.43
C HIS A 286 -15.17 14.44 -2.11
N VAL A 287 -16.51 14.49 -2.18
CA VAL A 287 -17.37 14.73 -1.01
C VAL A 287 -17.20 13.64 0.04
N PHE A 288 -16.66 12.48 -0.34
CA PHE A 288 -16.46 11.37 0.57
C PHE A 288 -15.45 11.79 1.64
N TYR A 289 -14.59 12.77 1.34
CA TYR A 289 -13.59 13.25 2.30
C TYR A 289 -13.87 14.68 2.78
N SER A 290 -15.12 15.17 2.72
CA SER A 290 -15.50 16.47 3.23
C SER A 290 -14.98 16.69 4.66
N THR A 291 -14.93 15.63 5.45
CA THR A 291 -14.66 15.80 6.86
C THR A 291 -13.17 15.72 7.13
N ILE A 292 -12.36 15.68 6.07
CA ILE A 292 -10.93 15.47 6.24
C ILE A 292 -10.18 16.78 5.95
N ASP A 293 -9.45 17.21 6.98
CA ASP A 293 -8.49 18.30 6.93
C ASP A 293 -7.17 17.67 6.52
N TRP A 294 -6.83 17.80 5.25
CA TRP A 294 -5.74 17.04 4.69
C TRP A 294 -4.41 17.47 5.29
N ASN A 295 -4.37 18.67 5.88
CA ASN A 295 -3.11 19.20 6.40
C ASN A 295 -2.86 18.68 7.82
N LYS A 296 -3.91 18.57 8.63
CA LYS A 296 -3.82 17.91 9.92
C LYS A 296 -3.45 16.42 9.74
N LEU A 297 -4.02 15.76 8.73
CA LEU A 297 -3.78 14.34 8.47
C LEU A 297 -2.31 14.05 8.15
N TYR A 298 -1.73 14.76 7.16
CA TYR A 298 -0.31 14.67 6.83
C TYR A 298 0.59 14.88 8.06
N ARG A 299 0.17 15.72 9.01
CA ARG A 299 0.97 16.04 10.18
C ARG A 299 0.68 15.09 11.33
N ARG A 300 -0.09 14.00 11.08
CA ARG A 300 -0.36 12.94 12.04
C ARG A 300 -0.96 13.52 13.35
N GLU A 301 -1.91 14.44 13.21
CA GLU A 301 -2.55 15.16 14.31
C GLU A 301 -4.00 14.70 14.48
N ILE A 302 -4.42 13.75 13.62
CA ILE A 302 -5.77 13.21 13.68
C ILE A 302 -5.70 11.79 14.27
N LYS A 303 -6.51 11.59 15.33
CA LYS A 303 -6.47 10.39 16.17
C LYS A 303 -6.89 9.20 15.30
N PRO A 304 -6.02 8.18 15.12
CA PRO A 304 -6.42 6.98 14.38
C PRO A 304 -7.56 6.32 15.16
N PRO A 305 -8.52 5.62 14.52
CA PRO A 305 -9.65 5.03 15.24
C PRO A 305 -9.36 3.79 16.08
N PHE A 306 -8.21 3.15 15.87
CA PHE A 306 -7.84 1.96 16.62
C PHE A 306 -6.38 2.10 17.04
N LYS A 307 -6.09 1.86 18.32
CA LYS A 307 -5.01 2.56 19.00
C LYS A 307 -3.64 1.90 18.76
N PRO A 308 -3.53 0.58 18.51
CA PRO A 308 -2.32 0.01 17.90
C PRO A 308 -2.46 -0.39 16.43
#